data_2HMC
#
_entry.id   2HMC
#
_cell.length_a   101.102
_cell.length_b   101.102
_cell.length_c   120.914
_cell.angle_alpha   90.00
_cell.angle_beta   90.00
_cell.angle_gamma   120.00
#
_symmetry.space_group_name_H-M   'P 63 2 2'
#
loop_
_entity.id
_entity.type
_entity.pdbx_description
1 polymer 'Dihydrodipicolinate synthase'
2 non-polymer 'MAGNESIUM ION'
3 water water
#
_entity_poly.entity_id   1
_entity_poly.type   'polypeptide(L)'
_entity_poly.pdbx_seq_one_letter_code
;(MSE)GSSHHHHHHSSGRENLYFQG(MSE)TASIFSGVIPAL(MSE)TPCRQDRTPDFDALVRKGKELIADG(MSE)SAV
VYCGS(MSE)GDWPLLTDEQR(MSE)EGVERLVKAGIPVIVGTGAVNTASAVAHAVHAQKVGAKGL(MSE)VIPRVLSRG
SVIAAQKAHFKAILSAAPEIPAVIYNSPYYGFATRADLFFALRAEHKNLVGFKEFGGPAD(MSE)RYAAENITSRDDEVT
L(MSE)IGVDTAVVHGFVNCGATGAITGIGNVLPKEVIHLCKLSQAAAKGDADARARALELEQALAVLSSFDEGPDLVLY
FKY(MSE)(MSE)VLKGDKEYTLHFNETDALTDSQRGYVEAQFKLFNSWYADWSKLPGAVQTCKAAGS
;
_entity_poly.pdbx_strand_id   A
#
# COMPACT_ATOMS: atom_id res chain seq x y z
N TYR A 18 5.15 -18.23 -16.06
N TYR A 18 5.26 -18.33 -15.58
CA TYR A 18 5.17 -17.41 -14.80
CA TYR A 18 5.24 -17.45 -14.36
C TYR A 18 6.32 -16.41 -14.81
C TYR A 18 6.36 -16.41 -14.46
N PHE A 19 5.96 -15.14 -14.63
CA PHE A 19 6.90 -14.04 -14.81
C PHE A 19 8.02 -13.99 -13.79
N GLN A 20 7.68 -14.13 -12.50
CA GLN A 20 8.68 -14.12 -11.44
C GLN A 20 9.41 -15.47 -11.29
N GLY A 21 8.96 -16.46 -12.07
CA GLY A 21 9.57 -17.78 -12.10
C GLY A 21 9.53 -18.48 -10.75
N THR A 23 10.90 -17.49 -7.70
CA THR A 23 10.85 -16.63 -6.53
C THR A 23 9.40 -16.34 -6.12
N ALA A 24 9.22 -16.26 -4.80
CA ALA A 24 7.95 -15.90 -4.18
C ALA A 24 7.53 -14.51 -4.63
N SER A 25 6.24 -14.31 -4.86
CA SER A 25 5.77 -13.06 -5.44
C SER A 25 6.03 -11.89 -4.50
N ILE A 26 6.53 -10.83 -5.11
CA ILE A 26 6.67 -9.54 -4.44
C ILE A 26 5.32 -8.94 -3.92
N PHE A 27 4.21 -9.44 -4.44
CA PHE A 27 2.87 -8.94 -4.11
C PHE A 27 2.14 -9.83 -3.07
N SER A 28 2.85 -10.75 -2.44
N SER A 28 2.87 -10.75 -2.45
CA SER A 28 2.26 -11.52 -1.36
CA SER A 28 2.35 -11.60 -1.38
C SER A 28 2.77 -11.00 -0.03
C SER A 28 2.87 -11.18 0.00
N GLY A 29 2.02 -11.32 1.02
CA GLY A 29 2.37 -10.95 2.38
C GLY A 29 1.86 -9.58 2.75
N VAL A 30 2.45 -9.02 3.81
CA VAL A 30 1.99 -7.75 4.38
C VAL A 30 3.06 -6.73 4.08
N ILE A 31 2.62 -5.64 3.42
CA ILE A 31 3.53 -4.67 2.81
C ILE A 31 3.19 -3.23 3.24
N PRO A 32 4.03 -2.63 4.08
CA PRO A 32 3.74 -1.22 4.41
C PRO A 32 4.00 -0.20 3.29
N ALA A 33 3.07 0.75 3.12
CA ALA A 33 3.34 1.97 2.34
C ALA A 33 4.02 2.96 3.29
N LEU A 34 5.33 3.16 3.12
CA LEU A 34 6.11 3.96 4.07
C LEU A 34 5.86 5.45 4.02
N THR A 36 7.44 9.26 4.72
CA THR A 36 8.76 9.84 4.51
C THR A 36 9.02 10.81 5.67
N PRO A 37 9.96 10.47 6.57
CA PRO A 37 10.24 11.35 7.69
C PRO A 37 10.82 12.67 7.20
N CYS A 38 10.42 13.74 7.86
CA CYS A 38 10.67 15.10 7.44
C CYS A 38 11.59 15.70 8.52
N ARG A 39 12.72 16.29 8.10
CA ARG A 39 13.61 17.01 9.04
C ARG A 39 13.08 18.38 9.45
N GLN A 40 13.77 19.05 10.37
CA GLN A 40 13.41 20.43 10.73
C GLN A 40 13.47 21.37 9.53
N ASP A 41 14.40 21.11 8.61
CA ASP A 41 14.50 21.91 7.38
C ASP A 41 13.51 21.47 6.29
N ARG A 42 12.61 20.55 6.67
CA ARG A 42 11.57 19.98 5.77
C ARG A 42 12.09 19.19 4.57
N THR A 43 13.32 18.71 4.63
CA THR A 43 13.80 17.84 3.58
C THR A 43 13.64 16.43 4.13
N PRO A 44 13.62 15.40 3.25
CA PRO A 44 13.37 14.03 3.72
C PRO A 44 14.54 13.47 4.51
N ASP A 45 14.24 12.73 5.58
CA ASP A 45 15.28 12.02 6.33
C ASP A 45 15.35 10.56 5.82
N PHE A 46 16.29 10.33 4.90
CA PHE A 46 16.42 9.05 4.24
C PHE A 46 17.06 7.98 5.16
N ASP A 47 17.94 8.39 6.08
CA ASP A 47 18.46 7.45 7.08
C ASP A 47 17.32 6.86 7.91
N ALA A 48 16.44 7.73 8.36
CA ALA A 48 15.26 7.33 9.10
C ALA A 48 14.31 6.46 8.27
N LEU A 49 14.18 6.75 6.97
CA LEU A 49 13.29 5.95 6.11
C LEU A 49 13.83 4.52 6.02
N VAL A 50 15.11 4.40 5.74
CA VAL A 50 15.79 3.12 5.63
C VAL A 50 15.71 2.33 6.94
N ARG A 51 15.93 3.03 8.07
CA ARG A 51 15.87 2.39 9.38
C ARG A 51 14.47 1.83 9.62
N LYS A 52 13.46 2.62 9.31
CA LYS A 52 12.08 2.15 9.52
C LYS A 52 11.76 0.96 8.63
N GLY A 53 12.18 1.05 7.37
CA GLY A 53 12.05 -0.03 6.42
C GLY A 53 12.67 -1.32 6.94
N LYS A 54 13.93 -1.25 7.37
CA LYS A 54 14.64 -2.42 7.90
C LYS A 54 13.88 -2.99 9.09
N GLU A 55 13.43 -2.12 9.98
CA GLU A 55 12.68 -2.53 11.16
C GLU A 55 11.40 -3.29 10.84
N LEU A 56 10.68 -2.82 9.82
CA LEU A 56 9.38 -3.39 9.48
C LEU A 56 9.56 -4.76 8.81
N ILE A 57 10.58 -4.91 7.96
CA ILE A 57 10.90 -6.23 7.40
C ILE A 57 11.20 -7.19 8.57
N ALA A 58 12.03 -6.75 9.51
CA ALA A 58 12.36 -7.56 10.70
C ALA A 58 11.15 -7.92 11.57
N ASP A 59 10.12 -7.09 11.60
CA ASP A 59 8.88 -7.40 12.31
C ASP A 59 7.99 -8.43 11.59
N GLY A 60 8.35 -8.84 10.37
CA GLY A 60 7.54 -9.77 9.59
C GLY A 60 6.90 -9.26 8.30
N SER A 62 6.81 -8.22 4.40
CA SER A 62 7.47 -8.90 3.27
C SER A 62 8.19 -7.99 2.29
N ALA A 63 7.71 -6.76 2.16
CA ALA A 63 8.22 -5.77 1.23
C ALA A 63 7.73 -4.41 1.74
N VAL A 64 8.16 -3.36 1.06
CA VAL A 64 7.60 -2.01 1.30
C VAL A 64 7.18 -1.37 -0.01
N VAL A 65 6.29 -0.37 0.09
CA VAL A 65 5.97 0.48 -1.06
C VAL A 65 6.55 1.87 -0.83
N TYR A 66 7.24 2.38 -1.85
CA TYR A 66 7.76 3.76 -1.80
C TYR A 66 7.91 4.25 -3.24
N CYS A 67 7.57 5.51 -3.56
CA CYS A 67 6.95 6.50 -2.69
C CYS A 67 5.51 6.68 -3.15
N GLY A 68 4.56 6.27 -2.31
CA GLY A 68 3.14 6.36 -2.61
C GLY A 68 2.54 7.54 -1.88
N SER A 69 1.21 7.56 -1.76
N SER A 69 1.22 7.56 -1.80
CA SER A 69 0.54 8.69 -1.12
CA SER A 69 0.52 8.65 -1.14
C SER A 69 0.84 8.78 0.38
C SER A 69 1.02 8.78 0.30
N GLY A 71 3.78 8.17 1.55
CA GLY A 71 5.10 8.77 1.53
C GLY A 71 5.16 10.22 1.10
N ASP A 72 3.99 10.88 0.99
CA ASP A 72 3.86 12.28 0.56
C ASP A 72 4.38 12.54 -0.84
N TRP A 73 4.15 11.63 -1.79
CA TRP A 73 4.75 11.79 -3.14
C TRP A 73 4.54 13.19 -3.79
N PRO A 74 3.31 13.77 -3.72
CA PRO A 74 3.12 15.09 -4.36
C PRO A 74 4.04 16.16 -3.80
N LEU A 75 4.51 15.96 -2.57
CA LEU A 75 5.30 17.02 -1.91
C LEU A 75 6.80 16.90 -2.13
N LEU A 76 7.22 15.83 -2.79
CA LEU A 76 8.64 15.55 -2.98
C LEU A 76 8.93 15.56 -4.46
N THR A 77 10.16 15.92 -4.83
CA THR A 77 10.51 15.96 -6.24
C THR A 77 10.65 14.53 -6.70
N ASP A 78 10.62 14.32 -8.02
CA ASP A 78 10.82 12.99 -8.55
C ASP A 78 12.18 12.49 -8.08
N GLU A 79 13.17 13.39 -8.02
CA GLU A 79 14.54 13.05 -7.65
C GLU A 79 14.65 12.63 -6.19
N GLN A 80 13.96 13.34 -5.29
CA GLN A 80 13.91 12.95 -3.89
C GLN A 80 13.37 11.53 -3.75
N ARG A 81 12.28 11.24 -4.46
CA ARG A 81 11.66 9.92 -4.40
C ARG A 81 12.64 8.85 -4.84
N GLU A 83 15.92 8.93 -4.93
CA GLU A 83 16.96 8.80 -3.91
C GLU A 83 16.45 7.86 -2.80
N GLY A 84 15.27 8.15 -2.27
CA GLY A 84 14.63 7.24 -1.34
C GLY A 84 14.59 5.78 -1.80
N VAL A 85 14.05 5.56 -2.99
CA VAL A 85 13.95 4.20 -3.53
C VAL A 85 15.33 3.51 -3.53
N GLU A 86 16.33 4.22 -4.07
CA GLU A 86 17.68 3.71 -4.11
C GLU A 86 18.22 3.33 -2.74
N ARG A 87 18.00 4.18 -1.74
CA ARG A 87 18.49 3.91 -0.40
C ARG A 87 17.86 2.64 0.16
N LEU A 88 16.53 2.54 0.03
CA LEU A 88 15.83 1.35 0.49
C LEU A 88 16.33 0.10 -0.22
N VAL A 89 16.55 0.19 -1.54
CA VAL A 89 16.99 -0.97 -2.33
C VAL A 89 18.41 -1.37 -1.97
N LYS A 90 19.29 -0.36 -1.87
CA LYS A 90 20.66 -0.55 -1.41
C LYS A 90 20.77 -1.26 -0.07
N ALA A 91 19.81 -1.01 0.82
CA ALA A 91 19.85 -1.54 2.17
C ALA A 91 19.36 -2.97 2.27
N GLY A 92 18.92 -3.54 1.14
CA GLY A 92 18.42 -4.92 1.09
C GLY A 92 16.94 -5.13 1.25
N ILE A 93 16.17 -4.04 1.34
CA ILE A 93 14.72 -4.09 1.55
C ILE A 93 14.05 -4.34 0.20
N PRO A 94 13.14 -5.33 0.11
CA PRO A 94 12.39 -5.47 -1.16
C PRO A 94 11.43 -4.31 -1.35
N VAL A 95 11.57 -3.58 -2.46
CA VAL A 95 10.81 -2.36 -2.68
C VAL A 95 9.87 -2.52 -3.88
N ILE A 96 8.62 -2.11 -3.68
CA ILE A 96 7.67 -1.93 -4.76
C ILE A 96 7.61 -0.42 -4.98
N VAL A 97 7.93 0.04 -6.19
CA VAL A 97 8.04 1.48 -6.49
C VAL A 97 6.69 2.07 -6.87
N GLY A 98 6.31 3.16 -6.20
CA GLY A 98 5.09 3.84 -6.62
C GLY A 98 5.36 4.79 -7.77
N THR A 99 4.51 4.74 -8.78
CA THR A 99 4.69 5.54 -9.99
C THR A 99 3.72 6.70 -10.10
N GLY A 100 3.02 7.05 -9.02
CA GLY A 100 2.18 8.25 -9.01
C GLY A 100 2.98 9.46 -9.43
N ALA A 101 2.41 10.30 -10.29
CA ALA A 101 3.19 11.38 -10.91
C ALA A 101 2.29 12.45 -11.53
N VAL A 102 2.87 13.60 -11.83
CA VAL A 102 2.10 14.74 -12.37
C VAL A 102 1.74 14.45 -13.84
N ASN A 103 2.57 13.64 -14.50
CA ASN A 103 2.36 13.26 -15.91
C ASN A 103 2.92 11.92 -16.26
N THR A 104 2.59 11.43 -17.44
CA THR A 104 3.05 10.13 -17.92
C THR A 104 4.57 10.06 -17.99
N ALA A 105 5.20 11.13 -18.50
CA ALA A 105 6.67 11.08 -18.66
C ALA A 105 7.34 10.87 -17.30
N SER A 106 6.86 11.57 -16.29
CA SER A 106 7.40 11.41 -14.95
C SER A 106 7.13 10.01 -14.34
N ALA A 107 5.93 9.49 -14.53
CA ALA A 107 5.61 8.12 -14.10
C ALA A 107 6.57 7.15 -14.74
N VAL A 108 6.78 7.35 -16.04
CA VAL A 108 7.67 6.50 -16.82
C VAL A 108 9.10 6.54 -16.28
N ALA A 109 9.59 7.73 -15.93
CA ALA A 109 10.95 7.84 -15.37
C ALA A 109 11.12 7.14 -14.00
N HIS A 110 10.06 7.10 -13.20
CA HIS A 110 10.07 6.33 -11.95
C HIS A 110 10.19 4.85 -12.21
N ALA A 111 9.48 4.37 -13.23
CA ALA A 111 9.57 2.98 -13.65
C ALA A 111 10.92 2.62 -14.26
N VAL A 112 11.47 3.46 -15.14
CA VAL A 112 12.83 3.23 -15.68
C VAL A 112 13.82 3.09 -14.52
N HIS A 113 13.73 4.02 -13.57
CA HIS A 113 14.62 4.03 -12.42
C HIS A 113 14.47 2.82 -11.51
N ALA A 114 13.23 2.39 -11.28
CA ALA A 114 12.94 1.17 -10.54
C ALA A 114 13.68 -0.04 -11.11
N GLN A 115 13.55 -0.26 -12.42
CA GLN A 115 14.26 -1.36 -13.08
C GLN A 115 15.80 -1.21 -13.01
N LYS A 116 16.29 -0.01 -13.27
N LYS A 116 16.32 -0.01 -13.27
CA LYS A 116 17.73 0.30 -13.23
CA LYS A 116 17.77 0.23 -13.24
C LYS A 116 18.37 -0.04 -11.87
C LYS A 116 18.38 -0.06 -11.86
N VAL A 117 17.67 0.33 -10.82
CA VAL A 117 18.17 0.29 -9.45
C VAL A 117 17.99 -1.08 -8.75
N GLY A 118 17.04 -1.87 -9.25
CA GLY A 118 16.86 -3.23 -8.82
C GLY A 118 15.69 -3.40 -7.87
N ALA A 119 14.70 -2.50 -7.95
CA ALA A 119 13.46 -2.67 -7.19
C ALA A 119 12.77 -3.97 -7.62
N LYS A 120 11.98 -4.55 -6.73
CA LYS A 120 11.44 -5.89 -6.92
C LYS A 120 10.02 -5.83 -7.50
N GLY A 121 9.40 -4.67 -7.46
CA GLY A 121 8.04 -4.58 -7.97
C GLY A 121 7.66 -3.18 -8.36
N LEU A 122 6.53 -3.05 -9.07
CA LEU A 122 6.05 -1.77 -9.59
C LEU A 122 4.59 -1.58 -9.27
N VAL A 124 1.56 0.53 -10.35
CA VAL A 124 1.22 1.33 -11.50
C VAL A 124 -0.01 2.15 -11.19
N ILE A 125 0.19 3.47 -11.07
CA ILE A 125 -0.87 4.41 -10.68
C ILE A 125 -1.51 5.10 -11.86
N PRO A 126 -2.85 5.26 -11.86
CA PRO A 126 -3.51 5.98 -12.96
C PRO A 126 -3.05 7.40 -13.20
N ARG A 127 -3.17 7.85 -14.45
CA ARG A 127 -2.92 9.25 -14.84
C ARG A 127 -3.77 10.19 -14.01
N VAL A 128 -3.18 11.28 -13.55
CA VAL A 128 -3.95 12.31 -12.84
C VAL A 128 -3.86 13.69 -13.54
N LEU A 129 -4.83 14.55 -13.23
CA LEU A 129 -4.78 16.00 -13.52
C LEU A 129 -5.17 16.38 -14.94
N SER A 130 -4.95 15.46 -15.86
CA SER A 130 -5.19 15.68 -17.26
C SER A 130 -5.79 14.41 -17.84
N ARG A 131 -7.03 14.49 -18.28
CA ARG A 131 -7.76 13.36 -18.85
C ARG A 131 -7.97 12.16 -17.90
N GLY A 132 -8.08 12.44 -16.59
CA GLY A 132 -8.10 11.38 -15.59
C GLY A 132 -9.21 10.36 -15.73
N SER A 133 -10.36 10.82 -16.23
CA SER A 133 -11.55 9.97 -16.40
C SER A 133 -11.54 9.20 -17.72
N VAL A 134 -10.55 9.45 -18.58
CA VAL A 134 -10.63 8.92 -19.93
C VAL A 134 -9.93 7.55 -20.01
N ILE A 135 -10.72 6.51 -20.25
CA ILE A 135 -10.22 5.14 -20.21
C ILE A 135 -9.11 4.91 -21.24
N ALA A 136 -9.32 5.41 -22.46
CA ALA A 136 -8.28 5.30 -23.49
C ALA A 136 -6.98 5.96 -23.09
N ALA A 137 -7.04 7.11 -22.41
CA ALA A 137 -5.82 7.74 -21.94
C ALA A 137 -5.16 6.90 -20.81
N GLN A 138 -5.97 6.37 -19.89
CA GLN A 138 -5.43 5.47 -18.86
C GLN A 138 -4.75 4.23 -19.45
N LYS A 139 -5.39 3.62 -20.45
CA LYS A 139 -4.74 2.50 -21.14
C LYS A 139 -3.32 2.84 -21.65
N ALA A 140 -3.19 3.98 -22.34
CA ALA A 140 -1.91 4.38 -22.93
C ALA A 140 -0.89 4.67 -21.84
N HIS A 141 -1.34 5.28 -20.75
CA HIS A 141 -0.49 5.59 -19.59
C HIS A 141 0.03 4.33 -18.91
N PHE A 142 -0.88 3.41 -18.59
CA PHE A 142 -0.50 2.10 -18.06
C PHE A 142 0.51 1.41 -18.95
N LYS A 143 0.25 1.42 -20.26
CA LYS A 143 1.14 0.75 -21.22
C LYS A 143 2.52 1.37 -21.24
N ALA A 144 2.58 2.70 -21.17
CA ALA A 144 3.84 3.44 -21.10
C ALA A 144 4.65 3.05 -19.88
N ILE A 145 3.99 2.96 -18.74
CA ILE A 145 4.66 2.60 -17.49
C ILE A 145 5.10 1.14 -17.53
N LEU A 146 4.18 0.26 -17.89
CA LEU A 146 4.47 -1.17 -17.92
C LEU A 146 5.65 -1.46 -18.84
N SER A 147 5.67 -0.85 -20.02
CA SER A 147 6.78 -1.14 -20.93
C SER A 147 8.09 -0.43 -20.58
N ALA A 148 8.03 0.49 -19.62
CA ALA A 148 9.24 1.19 -19.17
C ALA A 148 10.12 0.32 -18.28
N ALA A 149 9.49 -0.63 -17.60
CA ALA A 149 10.16 -1.51 -16.66
C ALA A 149 9.65 -2.91 -16.96
N PRO A 150 9.98 -3.45 -18.16
CA PRO A 150 9.30 -4.68 -18.55
C PRO A 150 9.77 -5.92 -17.76
N GLU A 151 10.87 -5.78 -17.02
CA GLU A 151 11.41 -6.90 -16.27
C GLU A 151 10.89 -6.94 -14.85
N ILE A 152 10.17 -5.89 -14.43
CA ILE A 152 9.71 -5.76 -13.05
C ILE A 152 8.22 -6.12 -12.92
N PRO A 153 7.89 -7.08 -12.02
CA PRO A 153 6.48 -7.49 -11.87
C PRO A 153 5.62 -6.28 -11.45
N ALA A 154 4.42 -6.19 -12.00
CA ALA A 154 3.58 -5.01 -11.82
C ALA A 154 2.16 -5.28 -11.37
N VAL A 155 1.64 -4.37 -10.53
N VAL A 155 1.61 -4.30 -10.64
CA VAL A 155 0.22 -4.33 -10.23
CA VAL A 155 0.24 -4.34 -10.11
C VAL A 155 -0.35 -2.99 -10.65
C VAL A 155 -0.44 -3.00 -10.40
N ILE A 156 -1.60 -3.03 -11.06
CA ILE A 156 -2.38 -1.82 -11.31
C ILE A 156 -3.14 -1.49 -10.07
N TYR A 157 -3.06 -0.20 -9.71
CA TYR A 157 -3.79 0.36 -8.58
C TYR A 157 -5.18 0.83 -9.04
N ASN A 158 -6.24 0.38 -8.36
CA ASN A 158 -7.59 0.78 -8.73
C ASN A 158 -8.27 1.49 -7.56
N SER A 159 -8.97 2.59 -7.85
CA SER A 159 -9.51 3.42 -6.78
C SER A 159 -10.57 4.33 -7.35
N PRO A 160 -11.66 4.56 -6.60
CA PRO A 160 -12.69 5.50 -7.05
C PRO A 160 -12.22 6.97 -7.13
N TYR A 161 -11.16 7.28 -6.39
N TYR A 161 -11.15 7.35 -6.43
CA TYR A 161 -10.46 8.56 -6.39
CA TYR A 161 -10.69 8.73 -6.49
C TYR A 161 -10.14 9.07 -7.80
C TYR A 161 -9.87 9.07 -7.75
N TYR A 162 -9.79 8.16 -8.72
CA TYR A 162 -9.22 8.52 -10.03
C TYR A 162 -10.29 8.90 -11.04
N GLY A 163 -11.56 8.76 -10.64
CA GLY A 163 -12.70 9.02 -11.50
C GLY A 163 -12.89 7.96 -12.56
N PHE A 164 -12.35 6.77 -12.29
CA PHE A 164 -12.15 5.77 -13.31
C PHE A 164 -11.84 4.41 -12.65
N ALA A 165 -12.28 3.34 -13.33
CA ALA A 165 -12.11 1.96 -12.88
C ALA A 165 -11.53 1.10 -13.98
N THR A 166 -10.47 0.36 -13.64
CA THR A 166 -9.89 -0.61 -14.53
C THR A 166 -10.77 -1.84 -14.39
N ARG A 167 -11.34 -2.29 -15.51
CA ARG A 167 -12.23 -3.45 -15.50
C ARG A 167 -11.49 -4.64 -16.11
N ALA A 168 -12.11 -5.81 -16.08
CA ALA A 168 -11.50 -7.02 -16.57
C ALA A 168 -11.04 -6.83 -18.00
N ASP A 169 -11.86 -6.19 -18.84
CA ASP A 169 -11.47 -6.11 -20.27
C ASP A 169 -10.17 -5.32 -20.49
N LEU A 170 -10.04 -4.20 -19.81
CA LEU A 170 -8.82 -3.45 -19.86
C LEU A 170 -7.65 -4.26 -19.25
N PHE A 171 -7.84 -4.76 -18.02
CA PHE A 171 -6.76 -5.50 -17.38
C PHE A 171 -6.16 -6.56 -18.30
N PHE A 172 -7.03 -7.34 -18.92
CA PHE A 172 -6.54 -8.46 -19.70
C PHE A 172 -6.01 -8.05 -21.05
N ALA A 173 -6.47 -6.90 -21.56
CA ALA A 173 -5.94 -6.38 -22.83
C ALA A 173 -4.50 -5.91 -22.60
N LEU A 174 -4.26 -5.33 -21.43
CA LEU A 174 -2.94 -4.88 -21.02
C LEU A 174 -2.01 -6.08 -20.81
N ARG A 175 -2.50 -7.06 -20.06
CA ARG A 175 -1.77 -8.27 -19.78
C ARG A 175 -1.37 -9.05 -21.05
N ALA A 176 -2.23 -9.03 -22.07
CA ALA A 176 -1.86 -9.63 -23.37
C ALA A 176 -0.60 -9.02 -23.95
N GLU A 177 -0.33 -7.73 -23.71
CA GLU A 177 0.85 -7.09 -24.27
C GLU A 177 1.99 -6.91 -23.28
N HIS A 178 1.68 -7.08 -22.00
CA HIS A 178 2.61 -6.76 -20.91
C HIS A 178 2.63 -7.88 -19.87
N LYS A 179 3.56 -8.81 -20.04
CA LYS A 179 3.51 -10.04 -19.24
C LYS A 179 3.96 -9.81 -17.80
N ASN A 180 4.55 -8.64 -17.56
CA ASN A 180 4.92 -8.24 -16.20
C ASN A 180 3.74 -7.77 -15.36
N LEU A 181 2.58 -7.59 -15.98
CA LEU A 181 1.35 -7.24 -15.22
C LEU A 181 0.80 -8.50 -14.61
N VAL A 182 0.93 -8.60 -13.30
CA VAL A 182 0.59 -9.81 -12.55
C VAL A 182 -0.38 -9.55 -11.40
N GLY A 183 -0.77 -8.32 -11.18
CA GLY A 183 -1.63 -8.15 -10.03
C GLY A 183 -2.52 -6.96 -10.13
N PHE A 184 -3.45 -6.91 -9.19
CA PHE A 184 -4.46 -5.88 -9.15
C PHE A 184 -4.60 -5.45 -7.72
N LYS A 185 -4.42 -4.16 -7.45
CA LYS A 185 -4.58 -3.66 -6.07
C LYS A 185 -5.82 -2.82 -5.92
N GLU A 186 -6.73 -3.20 -5.03
CA GLU A 186 -8.02 -2.48 -4.93
C GLU A 186 -8.18 -1.66 -3.63
N PHE A 187 -8.47 -0.36 -3.78
CA PHE A 187 -8.66 0.59 -2.64
C PHE A 187 -10.12 0.79 -2.28
N GLY A 188 -11.01 0.52 -3.22
CA GLY A 188 -12.40 0.90 -3.08
C GLY A 188 -13.09 -0.06 -2.15
N GLY A 189 -14.41 -0.02 -2.13
CA GLY A 189 -15.12 -0.80 -1.13
C GLY A 189 -15.14 -2.31 -1.33
N PRO A 190 -15.81 -3.02 -0.40
CA PRO A 190 -15.97 -4.47 -0.50
C PRO A 190 -16.58 -4.90 -1.85
N ALA A 191 -17.53 -4.12 -2.37
CA ALA A 191 -18.16 -4.42 -3.67
C ALA A 191 -17.16 -4.37 -4.84
N ASP A 192 -16.29 -3.38 -4.84
CA ASP A 192 -15.27 -3.23 -5.88
C ASP A 192 -14.27 -4.39 -5.78
N ARG A 194 -15.00 -7.44 -4.55
N ARG A 194 -14.91 -7.34 -4.60
CA ARG A 194 -15.74 -8.58 -5.08
CA ARG A 194 -15.66 -8.52 -5.04
C ARG A 194 -15.70 -8.67 -6.61
C ARG A 194 -15.71 -8.65 -6.57
N TYR A 195 -15.91 -7.53 -7.26
CA TYR A 195 -15.86 -7.47 -8.72
C TYR A 195 -14.49 -7.94 -9.21
N ALA A 196 -13.42 -7.37 -8.64
CA ALA A 196 -12.06 -7.80 -8.99
C ALA A 196 -11.80 -9.31 -8.73
N ALA A 197 -12.16 -9.80 -7.54
CA ALA A 197 -12.04 -11.25 -7.26
C ALA A 197 -12.85 -12.10 -8.22
N GLU A 198 -14.10 -11.75 -8.49
CA GLU A 198 -14.95 -12.57 -9.35
C GLU A 198 -14.49 -12.57 -10.80
N ASN A 199 -14.03 -11.41 -11.28
CA ASN A 199 -13.86 -11.26 -12.74
C ASN A 199 -12.45 -11.08 -13.26
N ILE A 200 -11.50 -10.78 -12.36
CA ILE A 200 -10.15 -10.51 -12.78
C ILE A 200 -9.15 -11.51 -12.19
N THR A 201 -9.16 -11.66 -10.85
CA THR A 201 -8.03 -12.33 -10.19
C THR A 201 -8.21 -13.81 -9.85
N SER A 202 -9.36 -14.42 -10.19
CA SER A 202 -9.62 -15.79 -9.78
C SER A 202 -9.40 -16.91 -10.82
N ARG A 203 -8.88 -16.58 -12.00
CA ARG A 203 -8.43 -17.66 -12.91
C ARG A 203 -7.27 -18.39 -12.26
N ASP A 204 -7.09 -19.66 -12.60
CA ASP A 204 -5.92 -20.41 -12.14
C ASP A 204 -4.69 -19.91 -12.91
N ASP A 205 -4.20 -18.73 -12.56
CA ASP A 205 -3.05 -18.15 -13.27
C ASP A 205 -2.09 -17.45 -12.29
N GLU A 206 -1.21 -16.63 -12.83
CA GLU A 206 -0.25 -15.93 -11.99
C GLU A 206 -0.81 -14.61 -11.41
N VAL A 207 -2.06 -14.29 -11.74
CA VAL A 207 -2.64 -12.99 -11.37
C VAL A 207 -3.25 -12.98 -9.97
N THR A 208 -2.77 -12.05 -9.14
CA THR A 208 -3.23 -12.02 -7.77
C THR A 208 -3.88 -10.70 -7.39
N LEU A 209 -4.77 -10.77 -6.42
CA LEU A 209 -5.39 -9.58 -5.83
C LEU A 209 -4.64 -9.10 -4.61
N ILE A 211 -4.96 -6.40 -1.30
CA ILE A 211 -5.75 -5.49 -0.47
C ILE A 211 -5.07 -4.14 -0.44
N GLY A 212 -5.86 -3.08 -0.69
CA GLY A 212 -5.24 -1.76 -0.86
C GLY A 212 -5.85 -0.66 -0.02
N VAL A 213 -6.52 -1.04 1.05
CA VAL A 213 -7.01 -0.07 2.03
C VAL A 213 -7.01 -0.84 3.36
N ASP A 214 -6.76 -0.14 4.47
CA ASP A 214 -6.51 -0.80 5.75
C ASP A 214 -7.76 -1.44 6.27
N THR A 215 -8.91 -1.00 5.76
CA THR A 215 -10.18 -1.45 6.32
C THR A 215 -10.77 -2.68 5.64
N ALA A 216 -10.05 -3.29 4.68
CA ALA A 216 -10.65 -4.36 3.88
C ALA A 216 -9.89 -5.68 4.01
N VAL A 217 -9.15 -5.85 5.11
CA VAL A 217 -8.27 -7.00 5.26
C VAL A 217 -9.05 -8.34 5.27
N VAL A 218 -9.99 -8.48 6.19
CA VAL A 218 -10.66 -9.77 6.31
C VAL A 218 -11.44 -10.10 5.04
N HIS A 219 -12.17 -9.12 4.52
CA HIS A 219 -12.88 -9.31 3.27
C HIS A 219 -11.94 -9.69 2.15
N GLY A 220 -10.79 -9.03 2.08
CA GLY A 220 -9.86 -9.32 0.97
C GLY A 220 -9.30 -10.74 1.02
N PHE A 221 -8.81 -11.16 2.19
CA PHE A 221 -8.22 -12.50 2.34
C PHE A 221 -9.27 -13.63 2.29
N VAL A 222 -10.37 -13.43 3.01
CA VAL A 222 -11.35 -14.49 3.23
C VAL A 222 -12.35 -14.56 2.06
N ASN A 223 -12.93 -13.42 1.71
CA ASN A 223 -13.95 -13.39 0.67
C ASN A 223 -13.47 -13.18 -0.77
N CYS A 224 -12.23 -12.74 -0.96
CA CYS A 224 -11.81 -12.29 -2.28
C CYS A 224 -10.54 -12.99 -2.72
N GLY A 225 -10.02 -13.86 -1.86
CA GLY A 225 -8.85 -14.66 -2.23
C GLY A 225 -7.60 -13.82 -2.40
N ALA A 226 -7.53 -12.67 -1.74
CA ALA A 226 -6.31 -11.86 -1.79
C ALA A 226 -5.06 -12.61 -1.28
N THR A 227 -3.89 -12.26 -1.82
CA THR A 227 -2.67 -12.94 -1.38
C THR A 227 -1.70 -11.99 -0.70
N GLY A 228 -2.04 -10.70 -0.67
CA GLY A 228 -1.14 -9.72 -0.07
C GLY A 228 -1.94 -8.50 0.31
N ALA A 229 -1.35 -7.64 1.15
CA ALA A 229 -2.03 -6.44 1.62
C ALA A 229 -1.03 -5.32 1.81
N ILE A 230 -1.36 -4.17 1.22
CA ILE A 230 -0.61 -2.93 1.47
C ILE A 230 -1.23 -2.25 2.68
N THR A 231 -0.39 -1.85 3.62
CA THR A 231 -0.90 -1.32 4.88
C THR A 231 -0.35 0.08 5.23
N GLY A 232 -1.23 0.93 5.76
CA GLY A 232 -0.84 2.24 6.28
C GLY A 232 -0.62 2.08 7.78
N ILE A 233 -1.64 1.59 8.46
CA ILE A 233 -1.58 1.44 9.93
C ILE A 233 -0.51 0.43 10.40
N GLY A 234 -0.20 -0.54 9.53
CA GLY A 234 0.86 -1.51 9.79
C GLY A 234 2.25 -0.89 9.93
N ASN A 235 2.44 0.35 9.48
CA ASN A 235 3.69 1.09 9.84
C ASN A 235 3.81 1.32 11.34
N VAL A 236 2.64 1.47 11.97
CA VAL A 236 2.49 1.84 13.37
C VAL A 236 2.28 0.60 14.26
N LEU A 237 1.41 -0.28 13.80
CA LEU A 237 1.07 -1.48 14.55
C LEU A 237 1.44 -2.72 13.76
N PRO A 238 2.73 -2.90 13.41
CA PRO A 238 3.09 -4.00 12.52
C PRO A 238 2.75 -5.41 13.03
N LYS A 239 3.03 -5.68 14.31
CA LYS A 239 2.77 -7.00 14.86
C LYS A 239 1.28 -7.33 14.85
N GLU A 240 0.47 -6.32 15.22
CA GLU A 240 -0.97 -6.47 15.33
C GLU A 240 -1.66 -6.64 13.95
N VAL A 241 -1.18 -5.87 12.96
CA VAL A 241 -1.68 -5.99 11.58
C VAL A 241 -1.24 -7.34 10.99
N ILE A 242 0.02 -7.72 11.19
CA ILE A 242 0.46 -9.08 10.79
C ILE A 242 -0.42 -10.15 11.44
N HIS A 243 -0.71 -10.00 12.74
CA HIS A 243 -1.56 -10.97 13.43
C HIS A 243 -2.92 -11.06 12.73
N LEU A 244 -3.54 -9.94 12.41
CA LEU A 244 -4.80 -9.96 11.62
C LEU A 244 -4.63 -10.72 10.30
N CYS A 245 -3.58 -10.41 9.55
CA CYS A 245 -3.43 -11.05 8.25
C CYS A 245 -3.24 -12.57 8.39
N LYS A 246 -2.46 -13.00 9.39
CA LYS A 246 -2.30 -14.42 9.68
C LYS A 246 -3.62 -15.09 10.10
N LEU A 247 -4.40 -14.45 10.96
CA LEU A 247 -5.73 -15.01 11.23
C LEU A 247 -6.57 -15.14 9.95
N SER A 248 -6.54 -14.09 9.12
CA SER A 248 -7.33 -14.05 7.88
C SER A 248 -6.92 -15.13 6.90
N GLN A 249 -5.60 -15.32 6.78
CA GLN A 249 -5.05 -16.33 5.93
C GLN A 249 -5.51 -17.72 6.37
N ALA A 250 -5.50 -17.95 7.69
CA ALA A 250 -5.95 -19.23 8.23
C ALA A 250 -7.45 -19.40 8.03
N ALA A 251 -8.22 -18.33 8.27
CA ALA A 251 -9.63 -18.31 7.98
C ALA A 251 -9.94 -18.64 6.53
N ALA A 252 -9.09 -18.19 5.62
CA ALA A 252 -9.30 -18.42 4.19
C ALA A 252 -9.08 -19.90 3.82
N LYS A 253 -8.51 -20.67 4.75
CA LYS A 253 -8.37 -22.12 4.58
C LYS A 253 -9.49 -22.91 5.26
N GLY A 254 -10.46 -22.20 5.83
CA GLY A 254 -11.61 -22.84 6.44
C GLY A 254 -11.52 -23.01 7.94
N ASP A 255 -10.55 -22.37 8.58
CA ASP A 255 -10.39 -22.41 10.05
C ASP A 255 -11.46 -21.54 10.73
N ALA A 256 -12.43 -22.19 11.37
CA ALA A 256 -13.56 -21.46 11.99
C ALA A 256 -13.14 -20.52 13.13
N ASP A 257 -12.25 -21.01 13.97
N ASP A 257 -12.25 -21.00 14.00
CA ASP A 257 -11.81 -20.23 15.12
CA ASP A 257 -11.80 -20.22 15.14
C ASP A 257 -11.04 -19.00 14.66
C ASP A 257 -11.04 -19.00 14.68
N ALA A 258 -10.18 -19.18 13.67
CA ALA A 258 -9.40 -18.07 13.12
C ALA A 258 -10.29 -16.99 12.50
N ARG A 259 -11.36 -17.41 11.82
N ARG A 259 -11.36 -17.39 11.81
CA ARG A 259 -12.31 -16.48 11.21
CA ARG A 259 -12.26 -16.39 11.23
C ARG A 259 -12.98 -15.58 12.28
C ARG A 259 -12.96 -15.53 12.31
N ALA A 260 -13.41 -16.19 13.38
CA ALA A 260 -14.07 -15.47 14.48
C ALA A 260 -13.10 -14.50 15.13
N ARG A 261 -11.85 -14.95 15.31
CA ARG A 261 -10.85 -14.07 15.94
C ARG A 261 -10.48 -12.93 15.01
N ALA A 262 -10.36 -13.22 13.70
CA ALA A 262 -10.00 -12.18 12.72
C ALA A 262 -11.06 -11.09 12.72
N LEU A 263 -12.34 -11.47 12.79
CA LEU A 263 -13.42 -10.49 12.81
C LEU A 263 -13.40 -9.58 14.03
N GLU A 264 -13.00 -10.10 15.20
CA GLU A 264 -12.92 -9.27 16.42
C GLU A 264 -11.74 -8.32 16.35
N LEU A 265 -10.58 -8.82 15.94
CA LEU A 265 -9.43 -7.97 15.80
C LEU A 265 -9.65 -6.87 14.74
N GLU A 266 -10.20 -7.25 13.60
CA GLU A 266 -10.56 -6.25 12.61
C GLU A 266 -11.52 -5.18 13.15
N GLN A 267 -12.58 -5.59 13.83
CA GLN A 267 -13.51 -4.62 14.48
C GLN A 267 -12.77 -3.68 15.45
N ALA A 268 -11.93 -4.24 16.31
CA ALA A 268 -11.12 -3.41 17.23
C ALA A 268 -10.20 -2.40 16.50
N LEU A 269 -9.63 -2.85 15.39
CA LEU A 269 -8.73 -2.01 14.61
C LEU A 269 -9.43 -1.06 13.64
N ALA A 270 -10.76 -1.11 13.60
CA ALA A 270 -11.47 -0.41 12.53
C ALA A 270 -11.36 1.10 12.56
N VAL A 271 -11.54 1.75 13.72
CA VAL A 271 -11.37 3.19 13.80
C VAL A 271 -9.99 3.61 13.30
N LEU A 272 -8.94 3.03 13.87
CA LEU A 272 -7.59 3.46 13.53
C LEU A 272 -7.33 3.16 12.06
N SER A 273 -7.80 2.04 11.58
CA SER A 273 -7.59 1.72 10.15
C SER A 273 -8.33 2.67 9.21
N SER A 274 -9.45 3.23 9.68
CA SER A 274 -10.28 4.06 8.84
C SER A 274 -9.61 5.39 8.48
N PHE A 275 -8.52 5.74 9.17
CA PHE A 275 -7.80 6.95 8.79
C PHE A 275 -7.20 6.82 7.41
N ASP A 276 -6.97 5.58 6.99
CA ASP A 276 -6.45 5.27 5.65
C ASP A 276 -7.39 5.68 4.51
N GLU A 277 -8.68 5.86 4.84
CA GLU A 277 -9.72 6.02 3.83
C GLU A 277 -9.89 7.50 3.47
N GLY A 278 -9.41 8.37 4.37
CA GLY A 278 -9.63 9.80 4.22
C GLY A 278 -8.40 10.62 3.80
N PRO A 279 -8.60 11.94 3.65
CA PRO A 279 -7.58 12.84 3.11
C PRO A 279 -6.40 13.12 4.09
N ASP A 280 -6.63 12.87 5.37
CA ASP A 280 -5.62 13.15 6.42
C ASP A 280 -4.77 11.94 6.86
N LEU A 281 -4.72 10.90 6.02
CA LEU A 281 -4.05 9.66 6.43
C LEU A 281 -2.58 9.87 6.83
N VAL A 282 -1.88 10.73 6.11
CA VAL A 282 -0.47 10.97 6.49
C VAL A 282 -0.36 11.71 7.84
N LEU A 283 -1.30 12.62 8.11
CA LEU A 283 -1.29 13.37 9.37
C LEU A 283 -1.62 12.46 10.54
N TYR A 284 -2.66 11.65 10.35
CA TYR A 284 -3.05 10.69 11.35
C TYR A 284 -1.99 9.60 11.60
N PHE A 285 -1.44 8.97 10.55
CA PHE A 285 -0.45 7.93 10.76
C PHE A 285 0.91 8.46 11.27
N LYS A 286 1.37 9.62 10.80
CA LYS A 286 2.58 10.23 11.41
C LYS A 286 2.44 10.46 12.90
N TYR A 287 1.29 10.96 13.33
CA TYR A 287 1.06 11.34 14.73
C TYR A 287 1.03 10.09 15.62
N VAL A 290 4.42 9.10 16.23
CA VAL A 290 4.92 10.00 17.31
C VAL A 290 4.52 9.46 18.68
N LEU A 291 3.24 9.13 18.84
CA LEU A 291 2.72 8.49 20.05
C LEU A 291 3.41 7.16 20.41
N LYS A 292 3.83 6.39 19.39
CA LYS A 292 4.64 5.19 19.61
C LYS A 292 6.09 5.54 20.03
N GLY A 293 6.41 6.83 20.00
CA GLY A 293 7.72 7.25 20.44
C GLY A 293 8.68 7.61 19.34
N ASP A 294 8.26 7.53 18.06
CA ASP A 294 9.18 7.83 16.95
C ASP A 294 9.03 9.28 16.56
N LYS A 295 9.87 10.12 17.15
N LYS A 295 9.88 10.11 17.17
CA LYS A 295 9.70 11.57 17.00
CA LYS A 295 9.79 11.56 17.03
C LYS A 295 10.19 12.13 15.65
C LYS A 295 10.11 12.09 15.63
N GLU A 296 10.79 11.27 14.80
CA GLU A 296 11.12 11.66 13.40
C GLU A 296 9.87 11.88 12.56
N TYR A 297 8.70 11.60 13.14
CA TYR A 297 7.44 11.69 12.40
C TYR A 297 6.63 12.87 12.87
N THR A 298 7.31 13.78 13.57
CA THR A 298 6.66 14.97 14.15
C THR A 298 6.21 15.99 13.13
N LEU A 299 7.08 16.29 12.16
CA LEU A 299 6.81 17.35 11.22
C LEU A 299 6.31 16.89 9.85
N HIS A 300 5.70 17.82 9.14
CA HIS A 300 5.20 17.60 7.81
C HIS A 300 5.91 18.48 6.77
N PHE A 301 5.94 18.01 5.53
CA PHE A 301 6.59 18.76 4.46
C PHE A 301 5.99 20.14 4.22
N ASN A 302 4.65 20.26 4.30
CA ASN A 302 4.03 21.59 4.37
C ASN A 302 4.02 22.03 5.81
N GLU A 303 4.57 23.21 6.07
CA GLU A 303 4.66 23.73 7.44
C GLU A 303 3.30 23.87 8.14
N THR A 304 2.27 24.11 7.35
CA THR A 304 0.97 24.41 7.90
C THR A 304 0.10 23.15 8.04
N ASP A 305 0.52 21.99 7.52
CA ASP A 305 -0.25 20.75 7.67
C ASP A 305 -0.10 20.17 9.07
N ALA A 306 -1.21 20.08 9.80
CA ALA A 306 -1.16 19.57 11.17
C ALA A 306 -2.53 19.14 11.58
N LEU A 307 -2.60 18.04 12.31
CA LEU A 307 -3.85 17.72 13.03
C LEU A 307 -4.20 18.86 13.96
N THR A 308 -5.49 19.10 14.11
CA THR A 308 -6.01 20.05 15.08
C THR A 308 -5.98 19.45 16.48
N ASP A 309 -6.27 20.29 17.48
CA ASP A 309 -6.31 19.87 18.88
C ASP A 309 -7.27 18.73 19.13
N SER A 310 -8.43 18.78 18.48
CA SER A 310 -9.46 17.78 18.68
C SER A 310 -9.06 16.50 17.97
N GLN A 311 -8.53 16.64 16.76
CA GLN A 311 -8.06 15.48 16.01
C GLN A 311 -6.98 14.73 16.79
N ARG A 312 -5.99 15.45 17.33
N ARG A 312 -6.01 15.46 17.34
CA ARG A 312 -4.99 14.87 18.22
CA ARG A 312 -4.97 14.90 18.21
C ARG A 312 -5.62 14.15 19.40
C ARG A 312 -5.53 14.23 19.48
N GLY A 313 -6.55 14.83 20.09
CA GLY A 313 -7.19 14.22 21.25
C GLY A 313 -7.85 12.90 20.84
N TYR A 314 -8.47 12.91 19.67
CA TYR A 314 -9.21 11.78 19.19
C TYR A 314 -8.29 10.59 18.85
N VAL A 315 -7.20 10.84 18.15
N VAL A 315 -7.21 10.83 18.15
CA VAL A 315 -6.26 9.76 17.88
CA VAL A 315 -6.29 9.73 17.87
C VAL A 315 -5.66 9.24 19.19
C VAL A 315 -5.55 9.25 19.14
N GLU A 316 -5.34 10.14 20.11
CA GLU A 316 -4.73 9.73 21.38
C GLU A 316 -5.65 8.74 22.09
N ALA A 317 -6.94 9.07 22.16
CA ALA A 317 -7.93 8.22 22.86
C ALA A 317 -8.13 6.88 22.15
N GLN A 318 -8.25 6.91 20.83
CA GLN A 318 -8.38 5.66 20.06
C GLN A 318 -7.16 4.74 20.03
N PHE A 319 -5.97 5.32 20.00
CA PHE A 319 -4.73 4.59 20.12
C PHE A 319 -4.65 3.96 21.51
N LYS A 320 -4.90 4.73 22.56
CA LYS A 320 -4.92 4.17 23.93
C LYS A 320 -5.91 3.01 24.04
N LEU A 321 -7.11 3.22 23.50
CA LEU A 321 -8.16 2.23 23.60
C LEU A 321 -7.74 0.97 22.84
N PHE A 322 -7.16 1.13 21.65
CA PHE A 322 -6.75 -0.08 20.92
C PHE A 322 -5.65 -0.86 21.64
N ASN A 323 -4.62 -0.18 22.09
CA ASN A 323 -3.59 -0.93 22.77
C ASN A 323 -4.14 -1.61 24.02
N SER A 324 -5.06 -0.96 24.73
CA SER A 324 -5.58 -1.55 25.98
C SER A 324 -6.37 -2.78 25.62
N TRP A 325 -7.24 -2.64 24.63
CA TRP A 325 -8.05 -3.76 24.14
C TRP A 325 -7.20 -4.97 23.72
N TYR A 326 -6.13 -4.72 22.96
CA TYR A 326 -5.31 -5.78 22.38
C TYR A 326 -4.55 -6.52 23.48
N ALA A 327 -3.98 -5.78 24.42
CA ALA A 327 -3.33 -6.37 25.60
C ALA A 327 -4.26 -7.36 26.32
N ASP A 328 -5.53 -6.98 26.46
CA ASP A 328 -6.57 -7.79 27.13
C ASP A 328 -6.97 -8.99 26.26
N TRP A 329 -7.33 -8.72 25.02
CA TRP A 329 -7.80 -9.73 24.08
C TRP A 329 -6.77 -10.79 23.71
N SER A 330 -5.50 -10.40 23.60
CA SER A 330 -4.49 -11.30 23.06
C SER A 330 -3.98 -12.34 24.10
N LYS A 331 -4.20 -12.05 25.39
CA LYS A 331 -4.24 -13.08 26.45
C LYS A 331 -4.76 -12.50 27.76
#